data_3KVY
#
_entry.id   3KVY
#
_cell.length_a   83.478
_cell.length_b   83.478
_cell.length_c   260.063
_cell.angle_alpha   90.00
_cell.angle_beta   90.00
_cell.angle_gamma   90.00
#
_symmetry.space_group_name_H-M   'P 41 21 2'
#
loop_
_entity.id
_entity.type
_entity.pdbx_description
1 polymer 'Uridine Phosphorylase'
2 non-polymer 'SULFATE ION'
3 non-polymer URACIL
4 non-polymer 1,4-anhydro-D-erythro-pent-1-enitol
5 water water
#
_entity_poly.entity_id   1
_entity_poly.type   'polypeptide(L)'
_entity_poly.pdbx_seq_one_letter_code
;MASTAAETEKPEDHNDLVQLCNPHIAAMKEDILYHFSLSTSTHDFPAMFGDVKFVCVGGSPSRMKAFIKYVAMELGFAHP
GADYPNICEGTDRYAMFKVGPVLSVSHGMGVPSIAIMLHELIKLLYHAHCSGVTLIRIGTSGGIGLEPGSVVITRQAVDP
CFKPEFEQIVLGKREVRNTDLDEQLVQELARCSAELGEFPTVVGNTMCTLDFYEGQGRLDGALCSYTEKDKQDYLRAAYA
AGIRNIEMEASVFAAMCNACGLRAAVVCVTLLNRLEGDQISSPHDVLAEYQQRPQRLVGQFIKKRLMQA
;
_entity_poly.pdbx_strand_id   A,B
#
# COMPACT_ATOMS: atom_id res chain seq x y z
N ASP A 16 7.80 -28.69 10.72
CA ASP A 16 8.73 -28.13 9.75
C ASP A 16 9.15 -26.70 10.06
N LEU A 17 10.43 -26.43 9.82
CA LEU A 17 11.00 -25.11 10.03
C LEU A 17 10.70 -24.21 8.84
N VAL A 18 10.50 -22.92 9.11
CA VAL A 18 10.34 -21.94 8.06
C VAL A 18 11.61 -21.85 7.23
N GLN A 19 11.46 -21.81 5.91
CA GLN A 19 12.60 -21.73 5.02
C GLN A 19 12.53 -20.55 4.04
N LEU A 20 13.71 -20.03 3.69
CA LEU A 20 13.82 -18.97 2.68
C LEU A 20 14.31 -19.58 1.37
N CYS A 21 14.09 -18.86 0.27
CA CYS A 21 14.68 -19.23 -1.01
C CYS A 21 15.71 -18.18 -1.40
N ASN A 22 16.57 -17.85 -0.45
CA ASN A 22 17.60 -16.87 -0.67
C ASN A 22 18.84 -17.20 0.13
N PRO A 23 19.89 -17.69 -0.56
CA PRO A 23 21.15 -18.12 0.03
C PRO A 23 21.98 -16.96 0.59
N HIS A 24 21.68 -15.73 0.21
CA HIS A 24 22.49 -14.59 0.64
C HIS A 24 22.32 -14.27 2.12
N ILE A 25 21.16 -14.63 2.67
CA ILE A 25 20.83 -14.24 4.03
C ILE A 25 21.78 -14.83 5.08
N ALA A 26 22.09 -16.12 4.94
CA ALA A 26 22.89 -16.83 5.92
C ALA A 26 24.24 -16.15 6.17
N ALA A 27 24.85 -15.62 5.10
CA ALA A 27 26.18 -15.04 5.19
C ALA A 27 26.22 -13.57 5.64
N MET A 28 25.07 -12.98 5.98
CA MET A 28 25.04 -11.59 6.40
C MET A 28 25.36 -11.44 7.89
N LYS A 29 26.13 -10.40 8.23
CA LYS A 29 26.46 -10.13 9.62
C LYS A 29 25.24 -9.68 10.42
N GLU A 30 24.43 -8.81 9.82
CA GLU A 30 23.15 -8.45 10.41
C GLU A 30 22.07 -8.27 9.34
N ASP A 31 20.83 -8.50 9.73
CA ASP A 31 19.69 -8.36 8.84
C ASP A 31 18.80 -7.28 9.43
N ILE A 32 18.67 -6.17 8.71
CA ILE A 32 17.81 -5.07 9.14
C ILE A 32 16.45 -5.17 8.47
N LEU A 33 15.41 -5.37 9.26
CA LEU A 33 14.04 -5.39 8.76
C LEU A 33 13.51 -3.97 8.82
N TYR A 34 13.92 -3.18 7.83
CA TYR A 34 13.72 -1.74 7.81
C TYR A 34 12.29 -1.25 8.04
N HIS A 35 11.32 -1.89 7.40
CA HIS A 35 9.95 -1.41 7.49
C HIS A 35 9.26 -1.83 8.80
N PHE A 36 9.91 -2.73 9.54
CA PHE A 36 9.44 -3.12 10.87
C PHE A 36 10.18 -2.35 11.96
N SER A 37 11.27 -1.71 11.59
CA SER A 37 12.15 -1.11 12.58
C SER A 37 12.68 -2.19 13.54
N LEU A 38 13.01 -3.34 12.99
CA LEU A 38 13.57 -4.45 13.74
C LEU A 38 14.89 -4.84 13.10
N SER A 39 15.82 -5.35 13.89
CA SER A 39 17.12 -5.79 13.40
C SER A 39 17.69 -6.94 14.22
N THR A 40 18.41 -7.87 13.58
CA THR A 40 19.04 -8.97 14.30
C THR A 40 20.03 -8.49 15.38
N SER A 41 20.59 -7.30 15.21
CA SER A 41 21.58 -6.82 16.17
C SER A 41 20.98 -5.96 17.29
N THR A 42 19.72 -5.57 17.16
CA THR A 42 19.05 -4.74 18.17
C THR A 42 17.91 -5.51 18.82
N HIS A 43 17.60 -6.68 18.27
CA HIS A 43 16.47 -7.47 18.74
C HIS A 43 16.83 -8.96 18.76
N ASP A 44 16.31 -9.65 19.76
CA ASP A 44 16.54 -11.07 19.95
C ASP A 44 15.35 -11.83 19.35
N PHE A 45 15.48 -12.27 18.10
CA PHE A 45 14.35 -12.90 17.42
C PHE A 45 13.91 -14.23 18.03
N PRO A 46 14.87 -15.14 18.29
CA PRO A 46 14.45 -16.39 18.93
C PRO A 46 13.71 -16.17 20.24
N ALA A 47 14.17 -15.25 21.08
CA ALA A 47 13.49 -15.00 22.34
C ALA A 47 12.14 -14.34 22.13
N MET A 48 12.02 -13.48 21.13
CA MET A 48 10.76 -12.77 20.88
C MET A 48 9.69 -13.62 20.20
N PHE A 49 10.09 -14.42 19.22
CA PHE A 49 9.12 -15.07 18.33
C PHE A 49 9.23 -16.58 18.21
N GLY A 50 10.26 -17.17 18.84
CA GLY A 50 10.50 -18.60 18.71
C GLY A 50 9.28 -19.50 18.85
N ASP A 51 8.34 -19.12 19.70
CA ASP A 51 7.15 -19.93 19.99
C ASP A 51 5.92 -19.62 19.14
N VAL A 52 6.07 -18.78 18.12
CA VAL A 52 4.97 -18.44 17.21
C VAL A 52 4.54 -19.63 16.34
N LYS A 53 3.24 -19.88 16.28
CA LYS A 53 2.70 -20.97 15.47
C LYS A 53 1.62 -20.46 14.50
N PHE A 54 0.99 -19.36 14.87
CA PHE A 54 -0.10 -18.80 14.06
C PHE A 54 0.17 -17.33 13.73
N VAL A 55 0.33 -17.04 12.44
CA VAL A 55 0.55 -15.67 12.00
C VAL A 55 -0.65 -15.16 11.22
N CYS A 56 -1.27 -14.10 11.73
CA CYS A 56 -2.48 -13.55 11.14
C CYS A 56 -2.21 -12.15 10.65
N VAL A 57 -2.55 -11.87 9.40
CA VAL A 57 -2.22 -10.59 8.79
C VAL A 57 -3.44 -9.93 8.15
N GLY A 58 -3.50 -8.61 8.23
CA GLY A 58 -4.62 -7.84 7.69
C GLY A 58 -4.23 -6.41 7.42
N GLY A 59 -5.04 -5.69 6.64
CA GLY A 59 -4.70 -4.34 6.21
C GLY A 59 -4.55 -3.33 7.32
N SER A 60 -5.51 -3.31 8.24
CA SER A 60 -5.70 -2.22 9.19
C SER A 60 -5.06 -2.49 10.56
N PRO A 61 -4.21 -1.56 11.03
CA PRO A 61 -3.55 -1.67 12.33
C PRO A 61 -4.54 -1.73 13.49
N SER A 62 -5.64 -0.98 13.39
CA SER A 62 -6.73 -1.05 14.36
C SER A 62 -7.36 -2.43 14.42
N ARG A 63 -7.69 -2.99 13.25
CA ARG A 63 -8.34 -4.29 13.23
C ARG A 63 -7.42 -5.38 13.76
N MET A 64 -6.14 -5.30 13.41
CA MET A 64 -5.18 -6.32 13.86
C MET A 64 -4.92 -6.22 15.36
N LYS A 65 -5.03 -5.03 15.93
CA LYS A 65 -4.96 -4.87 17.37
C LYS A 65 -6.20 -5.44 18.05
N ALA A 66 -7.38 -5.12 17.51
CA ALA A 66 -8.60 -5.71 18.05
C ALA A 66 -8.52 -7.23 17.97
N PHE A 67 -8.00 -7.74 16.87
CA PHE A 67 -7.87 -9.18 16.71
C PHE A 67 -7.04 -9.84 17.81
N ILE A 68 -5.86 -9.28 18.10
CA ILE A 68 -5.00 -9.87 19.13
C ILE A 68 -5.66 -9.83 20.50
N LYS A 69 -6.45 -8.79 20.77
CA LYS A 69 -7.20 -8.72 22.03
C LYS A 69 -8.29 -9.80 22.07
N TYR A 70 -9.06 -9.90 20.99
CA TYR A 70 -10.08 -10.92 20.89
C TYR A 70 -9.49 -12.31 21.12
N VAL A 71 -8.37 -12.59 20.49
CA VAL A 71 -7.70 -13.88 20.62
C VAL A 71 -7.22 -14.14 22.05
N ALA A 72 -6.64 -13.13 22.69
CA ALA A 72 -6.19 -13.26 24.08
C ALA A 72 -7.32 -13.73 24.99
N MET A 73 -8.48 -13.08 24.87
CA MET A 73 -9.65 -13.44 25.67
C MET A 73 -10.08 -14.88 25.41
N GLU A 74 -10.09 -15.28 24.14
CA GLU A 74 -10.59 -16.60 23.75
C GLU A 74 -9.67 -17.74 24.19
N LEU A 75 -8.43 -17.40 24.55
CA LEU A 75 -7.46 -18.42 24.95
C LEU A 75 -7.09 -18.25 26.42
N GLY A 76 -7.77 -17.32 27.09
CA GLY A 76 -7.51 -17.09 28.50
C GLY A 76 -6.12 -16.55 28.75
N PHE A 77 -5.81 -15.40 28.14
CA PHE A 77 -4.59 -14.68 28.45
C PHE A 77 -4.96 -13.32 29.04
N ALA A 78 -6.16 -12.88 28.73
CA ALA A 78 -6.66 -11.56 29.15
C ALA A 78 -6.34 -11.24 30.61
N ALA A 82 -3.41 -6.24 31.08
CA ALA A 82 -4.10 -6.20 29.80
C ALA A 82 -3.53 -5.11 28.90
N ASP A 83 -2.21 -5.10 28.74
CA ASP A 83 -1.56 -4.21 27.79
C ASP A 83 -1.07 -5.02 26.59
N TYR A 84 -1.28 -4.49 25.39
CA TYR A 84 -0.88 -5.18 24.16
C TYR A 84 0.02 -4.30 23.30
N PRO A 85 1.33 -4.32 23.59
CA PRO A 85 2.32 -3.40 23.00
C PRO A 85 2.55 -3.64 21.51
N ASN A 86 2.59 -2.54 20.75
CA ASN A 86 3.00 -2.56 19.36
C ASN A 86 4.49 -2.82 19.27
N ILE A 87 4.86 -3.99 18.77
CA ILE A 87 6.25 -4.40 18.68
C ILE A 87 7.01 -3.56 17.64
N CYS A 88 6.26 -2.93 16.75
CA CYS A 88 6.85 -2.07 15.73
C CYS A 88 6.80 -0.59 16.10
N GLU A 89 6.78 -0.28 17.39
CA GLU A 89 7.04 1.08 17.81
C GLU A 89 8.36 1.45 17.16
N GLY A 90 8.51 2.69 16.74
CA GLY A 90 9.71 3.05 16.01
C GLY A 90 9.46 3.21 14.52
N THR A 91 8.40 2.59 14.02
CA THR A 91 7.93 2.87 12.67
C THR A 91 6.41 3.06 12.67
N ASP A 92 5.88 3.61 11.60
CA ASP A 92 4.44 3.60 11.41
C ASP A 92 4.00 2.92 10.11
N ARG A 93 4.92 2.17 9.50
CA ARG A 93 4.61 1.46 8.26
C ARG A 93 3.67 0.28 8.53
N TYR A 94 3.98 -0.50 9.55
CA TYR A 94 3.14 -1.63 9.94
C TYR A 94 3.07 -1.70 11.47
N ALA A 95 2.01 -2.33 11.98
CA ALA A 95 1.91 -2.62 13.41
C ALA A 95 1.97 -4.13 13.66
N MET A 96 2.37 -4.53 14.86
CA MET A 96 2.59 -5.94 15.17
C MET A 96 2.36 -6.25 16.66
N PHE A 97 1.57 -7.29 16.93
CA PHE A 97 1.21 -7.66 18.29
C PHE A 97 1.39 -9.17 18.51
N LYS A 98 1.74 -9.56 19.74
CA LYS A 98 1.94 -10.98 20.04
C LYS A 98 1.33 -11.40 21.37
N VAL A 99 0.61 -12.52 21.34
CA VAL A 99 0.11 -13.14 22.56
C VAL A 99 0.24 -14.65 22.42
N GLY A 100 1.03 -15.25 23.30
CA GLY A 100 1.27 -16.69 23.24
C GLY A 100 1.86 -17.06 21.90
N PRO A 101 1.27 -18.06 21.23
CA PRO A 101 1.77 -18.52 19.93
C PRO A 101 1.18 -17.74 18.75
N VAL A 102 0.45 -16.67 19.02
CA VAL A 102 -0.22 -15.91 17.96
C VAL A 102 0.45 -14.57 17.67
N LEU A 103 0.75 -14.33 16.39
CA LEU A 103 1.33 -13.07 15.95
C LEU A 103 0.35 -12.34 15.03
N SER A 104 0.07 -11.08 15.34
CA SER A 104 -0.87 -10.27 14.58
C SER A 104 -0.13 -9.13 13.89
N VAL A 105 -0.16 -9.09 12.56
CA VAL A 105 0.59 -8.08 11.79
C VAL A 105 -0.29 -7.35 10.77
N SER A 106 -0.18 -6.03 10.70
CA SER A 106 -0.86 -5.28 9.65
C SER A 106 0.01 -5.21 8.39
N HIS A 107 -0.62 -4.99 7.23
CA HIS A 107 0.10 -5.01 5.97
C HIS A 107 -0.27 -3.88 4.98
N GLY A 108 -1.13 -2.97 5.40
CA GLY A 108 -1.57 -1.88 4.53
C GLY A 108 -2.42 -2.35 3.35
N MET A 109 -2.47 -1.57 2.29
CA MET A 109 -3.30 -1.92 1.14
C MET A 109 -2.50 -2.09 -0.14
N GLY A 110 -2.72 -3.20 -0.84
CA GLY A 110 -2.11 -3.43 -2.13
C GLY A 110 -1.03 -4.49 -2.14
N VAL A 111 -0.83 -5.08 -3.32
CA VAL A 111 0.22 -6.06 -3.55
C VAL A 111 1.62 -5.64 -3.06
N PRO A 112 2.10 -4.45 -3.44
CA PRO A 112 3.46 -4.09 -2.98
C PRO A 112 3.54 -3.89 -1.47
N SER A 113 2.50 -3.35 -0.86
CA SER A 113 2.48 -3.14 0.58
C SER A 113 2.56 -4.45 1.36
N ILE A 114 1.80 -5.46 0.93
CA ILE A 114 1.82 -6.73 1.63
C ILE A 114 3.10 -7.53 1.28
N ALA A 115 3.62 -7.32 0.07
CA ALA A 115 4.85 -7.99 -0.34
C ALA A 115 6.07 -7.53 0.47
N ILE A 116 6.18 -6.23 0.74
CA ILE A 116 7.26 -5.73 1.59
C ILE A 116 7.17 -6.41 2.95
N MET A 117 5.95 -6.43 3.48
CA MET A 117 5.66 -7.01 4.79
C MET A 117 6.02 -8.50 4.85
N LEU A 118 5.65 -9.23 3.81
CA LEU A 118 5.89 -10.67 3.74
C LEU A 118 7.38 -11.03 3.71
N HIS A 119 8.13 -10.38 2.83
CA HIS A 119 9.57 -10.57 2.75
C HIS A 119 10.20 -10.49 4.13
N GLU A 120 9.88 -9.41 4.86
CA GLU A 120 10.47 -9.16 6.17
C GLU A 120 9.91 -10.08 7.26
N LEU A 121 8.63 -10.43 7.16
CA LEU A 121 8.01 -11.33 8.12
C LEU A 121 8.55 -12.76 7.98
N ILE A 122 8.72 -13.22 6.75
CA ILE A 122 9.26 -14.57 6.50
C ILE A 122 10.72 -14.70 6.97
N LYS A 123 11.51 -13.64 6.80
CA LYS A 123 12.87 -13.66 7.32
C LYS A 123 12.86 -13.64 8.86
N LEU A 124 11.92 -12.90 9.43
CA LEU A 124 11.77 -12.83 10.88
C LEU A 124 11.50 -14.21 11.47
N LEU A 125 10.60 -14.95 10.82
CA LEU A 125 10.25 -16.29 11.27
C LEU A 125 11.42 -17.25 11.09
N TYR A 126 12.16 -17.08 10.01
CA TYR A 126 13.37 -17.88 9.82
C TYR A 126 14.41 -17.61 10.92
N HIS A 127 14.66 -16.33 11.21
CA HIS A 127 15.61 -15.95 12.25
C HIS A 127 15.19 -16.47 13.62
N ALA A 128 13.90 -16.43 13.90
CA ALA A 128 13.39 -16.96 15.15
C ALA A 128 13.42 -18.49 15.14
N HIS A 129 13.62 -19.04 13.94
CA HIS A 129 13.59 -20.49 13.73
C HIS A 129 12.27 -21.10 14.24
N CYS A 130 11.15 -20.44 13.90
CA CYS A 130 9.81 -20.95 14.17
C CYS A 130 9.53 -22.23 13.39
N SER A 131 8.61 -23.04 13.88
CA SER A 131 8.29 -24.31 13.23
C SER A 131 6.80 -24.63 13.25
N GLY A 132 6.33 -25.32 12.21
CA GLY A 132 4.94 -25.68 12.09
C GLY A 132 4.03 -24.45 12.14
N VAL A 133 4.39 -23.43 11.39
CA VAL A 133 3.62 -22.19 11.40
C VAL A 133 2.47 -22.23 10.39
N THR A 134 1.38 -21.53 10.70
CA THR A 134 0.30 -21.29 9.75
C THR A 134 0.14 -19.79 9.51
N LEU A 135 0.02 -19.41 8.23
CA LEU A 135 -0.13 -18.02 7.82
C LEU A 135 -1.55 -17.77 7.30
N ILE A 136 -2.28 -16.84 7.92
CA ILE A 136 -3.61 -16.53 7.44
C ILE A 136 -3.92 -15.05 7.28
N ARG A 137 -4.29 -14.65 6.06
CA ARG A 137 -4.77 -13.30 5.84
C ARG A 137 -6.24 -13.18 6.22
N ILE A 138 -6.56 -12.24 7.10
CA ILE A 138 -7.96 -11.92 7.40
C ILE A 138 -8.26 -10.52 6.85
N GLY A 139 -9.14 -10.46 5.85
CA GLY A 139 -9.37 -9.21 5.16
C GLY A 139 -10.81 -8.85 4.84
N THR A 140 -10.96 -7.88 3.95
CA THR A 140 -12.25 -7.48 3.43
C THR A 140 -12.16 -7.52 1.92
N SER A 141 -13.31 -7.48 1.26
CA SER A 141 -13.36 -7.63 -0.18
C SER A 141 -14.74 -7.25 -0.69
N GLY A 142 -14.89 -7.24 -2.01
CA GLY A 142 -16.20 -7.11 -2.63
C GLY A 142 -16.69 -8.48 -3.09
N GLY A 143 -17.95 -8.80 -2.78
CA GLY A 143 -18.53 -10.06 -3.23
C GLY A 143 -19.10 -9.99 -4.64
N ILE A 144 -19.22 -11.14 -5.29
CA ILE A 144 -19.95 -11.25 -6.55
C ILE A 144 -21.05 -12.29 -6.37
N GLY A 145 -22.30 -11.85 -6.38
CA GLY A 145 -23.43 -12.75 -6.26
C GLY A 145 -23.61 -13.34 -4.88
N LEU A 146 -23.06 -12.67 -3.87
CA LEU A 146 -23.23 -13.13 -2.49
C LEU A 146 -23.84 -12.02 -1.66
N GLU A 147 -24.54 -12.43 -0.60
CA GLU A 147 -25.08 -11.52 0.41
C GLU A 147 -23.94 -10.77 1.11
N PRO A 148 -24.08 -9.44 1.27
CA PRO A 148 -23.10 -8.69 2.04
C PRO A 148 -22.90 -9.33 3.42
N GLY A 149 -21.66 -9.38 3.91
CA GLY A 149 -21.36 -10.04 5.17
C GLY A 149 -20.97 -11.49 5.03
N SER A 150 -21.11 -12.04 3.83
CA SER A 150 -20.67 -13.41 3.58
C SER A 150 -19.15 -13.49 3.66
N VAL A 151 -18.65 -14.58 4.22
CA VAL A 151 -17.21 -14.80 4.30
C VAL A 151 -16.74 -15.76 3.22
N VAL A 152 -15.65 -15.40 2.56
CA VAL A 152 -15.08 -16.27 1.53
C VAL A 152 -13.75 -16.84 1.98
N ILE A 153 -13.60 -18.15 1.87
CA ILE A 153 -12.31 -18.82 2.05
C ILE A 153 -11.73 -19.06 0.66
N THR A 154 -10.56 -18.49 0.37
CA THR A 154 -9.98 -18.55 -0.95
C THR A 154 -9.45 -19.94 -1.30
N ARG A 155 -10.08 -20.58 -2.28
CA ARG A 155 -9.58 -21.84 -2.82
C ARG A 155 -8.36 -21.55 -3.70
N GLN A 156 -8.46 -20.50 -4.50
CA GLN A 156 -7.44 -20.17 -5.47
C GLN A 156 -7.46 -18.67 -5.69
N ALA A 157 -6.30 -18.02 -5.58
CA ALA A 157 -6.18 -16.62 -5.93
C ALA A 157 -5.98 -16.51 -7.44
N VAL A 158 -6.56 -15.49 -8.04
CA VAL A 158 -6.62 -15.41 -9.48
C VAL A 158 -6.39 -13.97 -9.94
N ASP A 159 -5.82 -13.79 -11.12
CA ASP A 159 -5.57 -12.45 -11.65
C ASP A 159 -6.80 -11.91 -12.41
N PRO A 160 -6.74 -10.65 -12.87
CA PRO A 160 -7.95 -10.05 -13.45
C PRO A 160 -8.39 -10.67 -14.78
N CYS A 161 -7.61 -11.63 -15.28
CA CYS A 161 -8.04 -12.42 -16.43
C CYS A 161 -8.43 -13.83 -15.99
N PHE A 162 -8.64 -14.05 -14.50
CA PHE A 162 -9.09 -15.29 -13.86
C PHE A 162 -8.09 -16.45 -13.89
N LYS A 163 -6.79 -16.12 -14.27
CA LYS A 163 -5.75 -17.15 -14.16
C LYS A 163 -5.05 -17.17 -12.79
N PRO A 164 -4.77 -18.37 -12.26
CA PRO A 164 -4.07 -18.54 -10.97
C PRO A 164 -2.57 -18.29 -11.10
N GLU A 165 -2.20 -17.06 -11.44
CA GLU A 165 -0.81 -16.71 -11.67
C GLU A 165 -0.51 -15.36 -11.04
N PHE A 166 0.67 -15.23 -10.47
CA PHE A 166 1.16 -13.94 -10.02
C PHE A 166 2.39 -13.59 -10.82
N GLU A 167 2.36 -12.41 -11.43
CA GLU A 167 3.43 -11.95 -12.30
C GLU A 167 4.28 -10.87 -11.62
N GLN A 168 5.59 -11.03 -11.70
CA GLN A 168 6.53 -10.06 -11.12
C GLN A 168 7.68 -9.80 -12.10
N ILE A 169 8.14 -8.56 -12.14
CA ILE A 169 9.28 -8.21 -12.99
C ILE A 169 10.57 -8.17 -12.18
N VAL A 170 11.52 -8.99 -12.60
CA VAL A 170 12.76 -9.18 -11.87
C VAL A 170 13.90 -8.87 -12.83
N LEU A 171 14.72 -7.89 -12.47
CA LEU A 171 15.77 -7.41 -13.36
C LEU A 171 15.26 -7.17 -14.78
N GLY A 172 14.07 -6.57 -14.88
CA GLY A 172 13.54 -6.23 -16.18
C GLY A 172 12.86 -7.38 -16.91
N LYS A 173 12.91 -8.58 -16.34
CA LYS A 173 12.24 -9.71 -16.99
C LYS A 173 11.01 -10.23 -16.24
N ARG A 174 10.00 -10.61 -17.01
CA ARG A 174 8.75 -11.09 -16.45
C ARG A 174 8.89 -12.51 -15.92
N GLU A 175 8.37 -12.74 -14.71
CA GLU A 175 8.32 -14.06 -14.10
C GLU A 175 6.95 -14.32 -13.48
N VAL A 176 6.53 -15.57 -13.46
CA VAL A 176 5.23 -15.90 -12.88
C VAL A 176 5.32 -17.08 -11.91
N ARG A 177 4.46 -17.05 -10.90
CA ARG A 177 4.37 -18.15 -9.95
C ARG A 177 2.91 -18.54 -9.79
N ASN A 178 2.67 -19.80 -9.47
CA ASN A 178 1.31 -20.28 -9.25
C ASN A 178 0.73 -19.79 -7.92
N THR A 179 -0.59 -19.62 -7.89
CA THR A 179 -1.24 -19.01 -6.74
C THR A 179 -2.38 -19.84 -6.14
N ASP A 180 -2.18 -21.16 -6.14
CA ASP A 180 -3.09 -22.08 -5.46
C ASP A 180 -2.85 -22.00 -3.95
N LEU A 181 -3.86 -22.33 -3.17
CA LEU A 181 -3.74 -22.37 -1.72
C LEU A 181 -4.00 -23.78 -1.19
N ASP A 182 -3.44 -24.07 -0.02
CA ASP A 182 -3.50 -25.40 0.57
C ASP A 182 -4.94 -25.91 0.71
N GLU A 183 -5.24 -27.00 0.02
CA GLU A 183 -6.62 -27.49 -0.07
C GLU A 183 -7.16 -28.09 1.23
N GLN A 184 -6.30 -28.77 1.97
CA GLN A 184 -6.71 -29.33 3.24
C GLN A 184 -7.05 -28.22 4.24
N LEU A 185 -6.32 -27.11 4.15
CA LEU A 185 -6.53 -25.98 5.03
C LEU A 185 -7.86 -25.26 4.76
N VAL A 186 -8.22 -25.10 3.48
CA VAL A 186 -9.47 -24.39 3.17
C VAL A 186 -10.65 -25.19 3.69
N GLN A 187 -10.60 -26.51 3.52
CA GLN A 187 -11.66 -27.39 4.00
C GLN A 187 -11.71 -27.44 5.52
N GLU A 188 -10.55 -27.32 6.17
CA GLU A 188 -10.52 -27.28 7.63
C GLU A 188 -11.20 -26.01 8.15
N LEU A 189 -10.92 -24.89 7.48
CA LEU A 189 -11.53 -23.61 7.80
C LEU A 189 -13.05 -23.62 7.55
N ALA A 190 -13.46 -24.29 6.47
CA ALA A 190 -14.90 -24.44 6.20
C ALA A 190 -15.60 -25.16 7.35
N ARG A 191 -14.95 -26.21 7.88
CA ARG A 191 -15.48 -26.95 9.01
C ARG A 191 -15.56 -26.11 10.29
N CYS A 192 -14.55 -25.28 10.53
CA CYS A 192 -14.56 -24.37 11.66
C CYS A 192 -15.72 -23.38 11.56
N SER A 193 -16.03 -22.92 10.35
CA SER A 193 -17.13 -21.99 10.19
C SER A 193 -18.48 -22.66 10.42
N ALA A 194 -18.61 -23.89 9.93
CA ALA A 194 -19.82 -24.68 10.15
C ALA A 194 -20.09 -24.88 11.64
N GLU A 195 -19.02 -25.11 12.40
CA GLU A 195 -19.16 -25.29 13.84
C GLU A 195 -19.61 -24.01 14.54
N LEU A 196 -19.17 -22.86 14.04
CA LEU A 196 -19.62 -21.57 14.58
C LEU A 196 -21.11 -21.35 14.35
N GLY A 197 -21.56 -21.56 13.12
CA GLY A 197 -22.96 -21.39 12.77
C GLY A 197 -23.50 -19.98 12.87
N GLU A 198 -22.65 -18.99 12.59
CA GLU A 198 -23.01 -17.59 12.81
C GLU A 198 -23.22 -16.75 11.55
N PHE A 199 -22.58 -17.13 10.44
CA PHE A 199 -22.65 -16.35 9.20
C PHE A 199 -22.33 -17.21 7.99
N PRO A 200 -22.84 -16.83 6.82
CA PRO A 200 -22.61 -17.60 5.59
C PRO A 200 -21.14 -17.59 5.17
N THR A 201 -20.61 -18.76 4.86
CA THR A 201 -19.20 -18.90 4.48
C THR A 201 -19.11 -19.81 3.27
N VAL A 202 -18.49 -19.32 2.21
CA VAL A 202 -18.32 -20.11 0.99
C VAL A 202 -16.84 -20.24 0.60
N VAL A 203 -16.49 -21.38 0.02
CA VAL A 203 -15.19 -21.48 -0.63
C VAL A 203 -15.37 -21.17 -2.11
N GLY A 204 -14.53 -20.27 -2.61
CA GLY A 204 -14.57 -19.84 -3.99
C GLY A 204 -13.25 -19.22 -4.37
N ASN A 205 -13.12 -18.81 -5.63
CA ASN A 205 -11.92 -18.14 -6.06
C ASN A 205 -11.95 -16.63 -5.76
N THR A 206 -10.77 -16.05 -5.62
CA THR A 206 -10.66 -14.66 -5.23
C THR A 206 -9.79 -13.94 -6.25
N MET A 207 -10.33 -12.88 -6.84
CA MET A 207 -9.59 -12.10 -7.82
C MET A 207 -8.81 -10.96 -7.15
N CYS A 208 -7.53 -10.83 -7.49
CA CYS A 208 -6.67 -9.83 -6.87
C CYS A 208 -6.35 -8.76 -7.90
N THR A 209 -6.62 -7.50 -7.57
CA THR A 209 -6.37 -6.41 -8.51
C THR A 209 -5.40 -5.39 -7.95
N LEU A 210 -4.84 -4.57 -8.84
CA LEU A 210 -3.86 -3.55 -8.47
C LEU A 210 -4.51 -2.18 -8.33
N ASP A 211 -5.83 -2.13 -8.50
CA ASP A 211 -6.60 -0.89 -8.37
C ASP A 211 -8.01 -1.21 -7.88
N PHE A 212 -8.47 -0.41 -6.93
CA PHE A 212 -9.78 -0.57 -6.28
C PHE A 212 -10.92 -0.06 -7.16
N TYR A 213 -10.65 0.92 -8.02
CA TYR A 213 -11.71 1.60 -8.77
C TYR A 213 -11.89 1.05 -10.19
N GLU A 214 -11.11 1.56 -11.14
CA GLU A 214 -11.10 0.96 -12.48
C GLU A 214 -10.63 -0.49 -12.46
N GLY A 215 -9.73 -0.82 -11.55
CA GLY A 215 -9.20 -2.17 -11.47
C GLY A 215 -10.24 -3.22 -11.07
N GLN A 216 -11.36 -2.75 -10.50
CA GLN A 216 -12.42 -3.66 -10.09
C GLN A 216 -13.75 -3.35 -10.76
N GLY A 217 -13.69 -2.55 -11.82
CA GLY A 217 -14.87 -2.26 -12.61
C GLY A 217 -15.87 -1.34 -11.93
N ARG A 218 -15.40 -0.52 -10.99
CA ARG A 218 -16.27 0.47 -10.33
C ARG A 218 -16.62 1.63 -11.28
N LEU A 219 -17.79 2.23 -11.08
CA LEU A 219 -18.18 3.41 -11.86
C LEU A 219 -17.94 4.72 -11.09
N ASP A 220 -17.44 4.62 -9.86
CA ASP A 220 -17.37 5.79 -8.97
C ASP A 220 -15.95 6.33 -8.68
N GLY A 221 -14.98 6.02 -9.52
CA GLY A 221 -13.65 6.56 -9.35
C GLY A 221 -13.51 7.97 -9.91
N ALA A 222 -12.28 8.51 -9.91
CA ALA A 222 -12.03 9.79 -10.57
C ALA A 222 -11.93 9.61 -12.08
N LEU A 223 -11.73 8.36 -12.50
CA LEU A 223 -11.60 7.99 -13.91
C LEU A 223 -12.58 6.84 -14.20
N CYS A 224 -13.31 6.94 -15.31
CA CYS A 224 -14.16 5.85 -15.77
C CYS A 224 -14.70 6.12 -17.17
N SER A 225 -14.28 5.31 -18.14
CA SER A 225 -14.75 5.48 -19.50
C SER A 225 -15.65 4.33 -19.98
N TYR A 226 -16.16 3.52 -19.06
CA TYR A 226 -17.03 2.42 -19.44
C TYR A 226 -18.41 2.55 -18.80
N THR A 227 -19.28 1.57 -19.03
CA THR A 227 -20.68 1.65 -18.64
C THR A 227 -21.04 0.64 -17.56
N GLU A 228 -22.20 0.84 -16.94
CA GLU A 228 -22.77 -0.13 -16.02
C GLU A 228 -22.84 -1.51 -16.67
N LYS A 229 -23.23 -1.56 -17.93
CA LYS A 229 -23.38 -2.84 -18.64
C LYS A 229 -22.04 -3.57 -18.84
N ASP A 230 -20.99 -2.80 -19.14
CA ASP A 230 -19.66 -3.37 -19.25
C ASP A 230 -19.23 -3.99 -17.93
N LYS A 231 -19.50 -3.28 -16.84
CA LYS A 231 -19.17 -3.77 -15.51
C LYS A 231 -19.88 -5.11 -15.26
N GLN A 232 -21.20 -5.12 -15.46
CA GLN A 232 -22.00 -6.31 -15.20
C GLN A 232 -21.45 -7.54 -15.92
N ASP A 233 -21.14 -7.39 -17.20
CA ASP A 233 -20.75 -8.54 -17.98
C ASP A 233 -19.33 -9.03 -17.64
N TYR A 234 -18.48 -8.12 -17.20
CA TYR A 234 -17.16 -8.51 -16.70
C TYR A 234 -17.30 -9.27 -15.38
N LEU A 235 -18.09 -8.73 -14.46
CA LEU A 235 -18.29 -9.36 -13.16
C LEU A 235 -19.00 -10.70 -13.29
N ARG A 236 -19.91 -10.80 -14.25
CA ARG A 236 -20.64 -12.04 -14.41
C ARG A 236 -19.77 -13.12 -15.06
N ALA A 237 -18.87 -12.71 -15.95
CA ALA A 237 -17.87 -13.62 -16.50
C ALA A 237 -16.94 -14.12 -15.39
N ALA A 238 -16.56 -13.22 -14.49
CA ALA A 238 -15.76 -13.59 -13.33
C ALA A 238 -16.48 -14.65 -12.47
N TYR A 239 -17.76 -14.40 -12.20
CA TYR A 239 -18.57 -15.35 -11.44
C TYR A 239 -18.64 -16.71 -12.13
N ALA A 240 -18.83 -16.69 -13.45
CA ALA A 240 -18.92 -17.92 -14.22
C ALA A 240 -17.62 -18.72 -14.16
N ALA A 241 -16.51 -18.04 -13.90
CA ALA A 241 -15.21 -18.71 -13.79
C ALA A 241 -14.88 -19.13 -12.35
N GLY A 242 -15.88 -19.07 -11.47
CA GLY A 242 -15.70 -19.55 -10.11
C GLY A 242 -15.23 -18.50 -9.10
N ILE A 243 -15.18 -17.24 -9.52
CA ILE A 243 -14.78 -16.16 -8.63
C ILE A 243 -15.95 -15.68 -7.77
N ARG A 244 -15.71 -15.56 -6.46
CA ARG A 244 -16.75 -15.15 -5.52
C ARG A 244 -16.45 -13.85 -4.79
N ASN A 245 -15.18 -13.42 -4.78
CA ASN A 245 -14.84 -12.12 -4.22
C ASN A 245 -13.66 -11.46 -4.88
N ILE A 246 -13.49 -10.17 -4.59
CA ILE A 246 -12.47 -9.34 -5.22
C ILE A 246 -11.74 -8.54 -4.13
N GLU A 247 -10.41 -8.62 -4.12
CA GLU A 247 -9.61 -7.84 -3.19
C GLU A 247 -8.25 -7.51 -3.78
N MET A 248 -7.26 -7.20 -2.95
CA MET A 248 -6.02 -6.64 -3.47
C MET A 248 -4.73 -7.21 -2.88
N GLU A 249 -4.77 -8.43 -2.34
CA GLU A 249 -3.57 -8.99 -1.73
C GLU A 249 -3.35 -10.48 -2.01
N ALA A 250 -4.44 -11.20 -2.28
CA ALA A 250 -4.40 -12.66 -2.31
C ALA A 250 -3.32 -13.27 -3.20
N SER A 251 -3.09 -12.69 -4.39
CA SER A 251 -2.15 -13.29 -5.32
C SER A 251 -0.68 -13.35 -4.85
N VAL A 252 -0.10 -12.23 -4.38
CA VAL A 252 1.28 -12.28 -3.84
C VAL A 252 1.36 -13.12 -2.59
N PHE A 253 0.38 -12.96 -1.71
CA PHE A 253 0.33 -13.76 -0.49
C PHE A 253 0.49 -15.24 -0.84
N ALA A 254 -0.32 -15.73 -1.78
CA ALA A 254 -0.29 -17.15 -2.14
C ALA A 254 1.02 -17.51 -2.81
N ALA A 255 1.49 -16.63 -3.70
CA ALA A 255 2.73 -16.86 -4.42
C ALA A 255 3.92 -17.03 -3.47
N MET A 256 4.06 -16.10 -2.53
CA MET A 256 5.24 -16.11 -1.66
C MET A 256 5.20 -17.25 -0.65
N CYS A 257 4.02 -17.50 -0.07
CA CYS A 257 3.86 -18.65 0.80
C CYS A 257 4.12 -19.96 0.06
N ASN A 258 3.60 -20.09 -1.15
CA ASN A 258 3.89 -21.26 -1.98
C ASN A 258 5.39 -21.46 -2.16
N ALA A 259 6.05 -20.40 -2.61
CA ALA A 259 7.50 -20.42 -2.85
C ALA A 259 8.31 -20.86 -1.63
N CYS A 260 7.87 -20.45 -0.44
CA CYS A 260 8.63 -20.75 0.79
C CYS A 260 8.10 -21.99 1.50
N GLY A 261 7.15 -22.69 0.88
CA GLY A 261 6.59 -23.89 1.46
C GLY A 261 5.81 -23.67 2.76
N LEU A 262 5.17 -22.52 2.89
CA LEU A 262 4.34 -22.23 4.06
C LEU A 262 2.89 -22.60 3.81
N ARG A 263 2.23 -23.17 4.82
CA ARG A 263 0.80 -23.44 4.76
C ARG A 263 0.03 -22.15 5.01
N ALA A 264 -0.76 -21.73 4.04
CA ALA A 264 -1.39 -20.41 4.11
C ALA A 264 -2.84 -20.43 3.65
N ALA A 265 -3.63 -19.48 4.15
CA ALA A 265 -5.03 -19.33 3.75
C ALA A 265 -5.47 -17.86 3.69
N VAL A 266 -6.52 -17.59 2.93
CA VAL A 266 -7.08 -16.25 2.84
C VAL A 266 -8.56 -16.27 3.19
N VAL A 267 -8.94 -15.44 4.16
CA VAL A 267 -10.30 -15.41 4.69
C VAL A 267 -10.80 -13.97 4.72
N CYS A 268 -11.72 -13.63 3.83
CA CYS A 268 -12.19 -12.25 3.74
C CYS A 268 -13.70 -12.16 3.89
N VAL A 269 -14.17 -11.17 4.64
CA VAL A 269 -15.59 -10.87 4.65
C VAL A 269 -15.91 -10.00 3.45
N THR A 270 -17.12 -10.15 2.94
CA THR A 270 -17.56 -9.33 1.86
C THR A 270 -18.30 -8.11 2.42
N LEU A 271 -18.00 -6.92 1.92
CA LEU A 271 -18.59 -5.69 2.45
C LEU A 271 -19.78 -5.22 1.61
N LEU A 272 -19.88 -5.73 0.39
CA LEU A 272 -21.03 -5.45 -0.46
C LEU A 272 -21.10 -6.45 -1.60
N ASN A 273 -22.27 -6.56 -2.23
CA ASN A 273 -22.41 -7.33 -3.45
C ASN A 273 -22.20 -6.41 -4.65
N ARG A 274 -21.10 -6.62 -5.38
CA ARG A 274 -20.73 -5.74 -6.48
C ARG A 274 -21.70 -5.80 -7.68
N LEU A 275 -22.55 -6.81 -7.76
CA LEU A 275 -23.56 -6.83 -8.83
C LEU A 275 -24.66 -5.81 -8.53
N GLU A 276 -24.69 -5.31 -7.31
CA GLU A 276 -25.71 -4.37 -6.88
C GLU A 276 -25.17 -2.97 -6.67
N GLY A 277 -23.85 -2.79 -6.73
CA GLY A 277 -23.28 -1.47 -6.44
C GLY A 277 -21.78 -1.44 -6.25
N ASP A 278 -21.26 -0.21 -6.10
CA ASP A 278 -19.82 0.01 -5.97
C ASP A 278 -19.46 0.67 -4.64
N GLN A 279 -20.32 1.56 -4.16
CA GLN A 279 -20.06 2.32 -2.93
C GLN A 279 -20.30 1.51 -1.67
N ILE A 280 -19.47 1.74 -0.66
CA ILE A 280 -19.62 1.04 0.62
C ILE A 280 -20.47 1.88 1.57
N SER A 281 -21.78 1.66 1.52
CA SER A 281 -22.73 2.56 2.15
C SER A 281 -23.45 1.99 3.39
N SER A 282 -23.13 0.76 3.77
CA SER A 282 -23.70 0.18 4.99
C SER A 282 -23.33 1.00 6.21
N PRO A 283 -24.26 1.09 7.19
CA PRO A 283 -24.03 1.77 8.47
C PRO A 283 -22.75 1.29 9.14
N HIS A 284 -22.03 2.22 9.77
CA HIS A 284 -20.77 1.90 10.43
C HIS A 284 -20.84 0.66 11.33
N ASP A 285 -21.91 0.53 12.10
CA ASP A 285 -22.05 -0.60 13.02
C ASP A 285 -22.11 -1.95 12.31
N VAL A 286 -22.84 -2.00 11.20
CA VAL A 286 -22.92 -3.20 10.38
C VAL A 286 -21.53 -3.60 9.87
N LEU A 287 -20.83 -2.64 9.26
CA LEU A 287 -19.49 -2.86 8.73
C LEU A 287 -18.51 -3.35 9.79
N ALA A 288 -18.61 -2.79 11.00
CA ALA A 288 -17.72 -3.22 12.09
C ALA A 288 -18.00 -4.68 12.46
N GLU A 289 -19.27 -5.05 12.51
CA GLU A 289 -19.62 -6.42 12.81
C GLU A 289 -19.17 -7.40 11.71
N TYR A 290 -19.36 -6.99 10.44
CA TYR A 290 -18.85 -7.77 9.30
C TYR A 290 -17.38 -8.11 9.48
N GLN A 291 -16.60 -7.10 9.88
CA GLN A 291 -15.16 -7.21 9.97
C GLN A 291 -14.68 -8.12 11.09
N GLN A 292 -15.58 -8.44 12.01
CA GLN A 292 -15.25 -9.33 13.11
C GLN A 292 -15.42 -10.79 12.69
N ARG A 293 -16.14 -11.02 11.60
CA ARG A 293 -16.48 -12.38 11.21
C ARG A 293 -15.23 -13.24 10.90
N PRO A 294 -14.32 -12.72 10.05
CA PRO A 294 -13.11 -13.50 9.80
C PRO A 294 -12.29 -13.70 11.08
N GLN A 295 -12.25 -12.71 11.96
CA GLN A 295 -11.60 -12.85 13.27
C GLN A 295 -12.15 -14.02 14.07
N ARG A 296 -13.48 -14.13 14.13
CA ARG A 296 -14.11 -15.20 14.89
C ARG A 296 -13.84 -16.58 14.29
N LEU A 297 -13.94 -16.69 12.98
CA LEU A 297 -13.62 -17.93 12.28
C LEU A 297 -12.17 -18.37 12.57
N VAL A 298 -11.23 -17.46 12.37
CA VAL A 298 -9.83 -17.79 12.61
C VAL A 298 -9.62 -18.10 14.09
N GLY A 299 -10.32 -17.38 14.96
CA GLY A 299 -10.31 -17.69 16.39
C GLY A 299 -10.70 -19.13 16.66
N GLN A 300 -11.76 -19.61 16.00
CA GLN A 300 -12.16 -21.01 16.09
C GLN A 300 -11.04 -21.95 15.68
N PHE A 301 -10.47 -21.69 14.49
CA PHE A 301 -9.41 -22.50 13.95
C PHE A 301 -8.26 -22.65 14.94
N ILE A 302 -7.81 -21.53 15.50
CA ILE A 302 -6.68 -21.57 16.44
C ILE A 302 -7.01 -22.34 17.72
N LYS A 303 -8.21 -22.12 18.26
CA LYS A 303 -8.66 -22.80 19.46
C LYS A 303 -8.59 -24.32 19.28
N LYS A 304 -9.07 -24.78 18.13
CA LYS A 304 -9.05 -26.21 17.83
C LYS A 304 -7.65 -26.79 17.63
N ARG A 305 -6.79 -26.08 16.92
CA ARG A 305 -5.43 -26.55 16.70
C ARG A 305 -4.75 -26.73 18.05
N LEU A 306 -5.06 -25.84 18.98
CA LEU A 306 -4.48 -25.86 20.31
C LEU A 306 -5.08 -26.92 21.22
N MET A 307 -6.34 -27.28 21.00
CA MET A 307 -6.98 -28.34 21.77
C MET A 307 -6.36 -29.69 21.42
N GLN A 308 -6.16 -29.91 20.12
CA GLN A 308 -5.61 -31.16 19.63
C GLN A 308 -4.15 -31.34 20.08
N HIS B 14 -5.11 33.21 -14.62
CA HIS B 14 -6.29 32.47 -14.17
C HIS B 14 -5.93 31.04 -13.72
N ASN B 15 -6.82 30.44 -12.94
CA ASN B 15 -6.64 29.08 -12.45
C ASN B 15 -7.90 28.21 -12.66
N ASP B 16 -7.71 27.05 -13.29
CA ASP B 16 -8.84 26.21 -13.69
C ASP B 16 -9.36 25.31 -12.56
N LEU B 17 -10.65 25.00 -12.64
CA LEU B 17 -11.28 24.07 -11.71
C LEU B 17 -10.78 22.66 -11.94
N VAL B 18 -10.72 21.89 -10.85
CA VAL B 18 -10.39 20.48 -10.92
C VAL B 18 -11.49 19.72 -11.65
N GLN B 19 -11.09 18.95 -12.66
CA GLN B 19 -12.04 18.15 -13.46
C GLN B 19 -11.83 16.64 -13.25
N LEU B 20 -12.91 15.87 -13.39
CA LEU B 20 -12.79 14.43 -13.37
C LEU B 20 -12.85 13.91 -14.79
N CYS B 21 -12.53 12.63 -14.98
CA CYS B 21 -12.82 11.94 -16.24
C CYS B 21 -13.82 10.85 -15.97
N ASN B 22 -14.93 11.22 -15.34
CA ASN B 22 -15.95 10.26 -14.96
C ASN B 22 -17.30 10.95 -14.83
N PRO B 23 -18.19 10.74 -15.83
CA PRO B 23 -19.49 11.42 -15.85
C PRO B 23 -20.48 10.87 -14.81
N HIS B 24 -20.18 9.73 -14.20
CA HIS B 24 -21.11 9.13 -13.23
C HIS B 24 -21.22 9.92 -11.93
N ILE B 25 -20.14 10.59 -11.53
CA ILE B 25 -20.08 11.24 -10.22
C ILE B 25 -21.15 12.34 -10.05
N ALA B 26 -21.33 13.15 -11.09
CA ALA B 26 -22.35 14.20 -11.06
C ALA B 26 -23.77 13.67 -10.87
N ALA B 27 -23.99 12.41 -11.28
CA ALA B 27 -25.33 11.81 -11.21
C ALA B 27 -25.62 11.04 -9.91
N MET B 28 -24.68 11.03 -8.98
CA MET B 28 -24.90 10.34 -7.71
C MET B 28 -25.50 11.29 -6.68
N LYS B 29 -26.40 10.80 -5.85
CA LYS B 29 -26.96 11.66 -4.81
C LYS B 29 -26.03 11.79 -3.61
N GLU B 30 -25.10 10.85 -3.48
CA GLU B 30 -24.11 10.90 -2.41
C GLU B 30 -22.80 10.29 -2.89
N ASP B 31 -21.67 10.91 -2.55
CA ASP B 31 -20.37 10.34 -2.86
C ASP B 31 -19.63 10.03 -1.56
N ILE B 32 -19.47 8.75 -1.27
CA ILE B 32 -18.80 8.32 -0.05
C ILE B 32 -17.32 8.07 -0.32
N LEU B 33 -16.47 8.89 0.30
CA LEU B 33 -15.03 8.70 0.22
C LEU B 33 -14.64 7.72 1.33
N TYR B 34 -14.84 6.44 1.02
CA TYR B 34 -14.78 5.38 2.02
C TYR B 34 -13.47 5.33 2.80
N HIS B 35 -12.36 5.44 2.10
CA HIS B 35 -11.05 5.32 2.72
C HIS B 35 -10.62 6.56 3.50
N PHE B 36 -11.34 7.66 3.31
CA PHE B 36 -11.08 8.88 4.07
C PHE B 36 -12.08 9.00 5.22
N SER B 37 -13.14 8.20 5.18
CA SER B 37 -14.26 8.38 6.10
C SER B 37 -14.86 9.77 5.94
N LEU B 38 -14.97 10.23 4.69
CA LEU B 38 -15.64 11.48 4.37
C LEU B 38 -16.78 11.20 3.39
N SER B 39 -17.81 12.04 3.42
CA SER B 39 -18.95 11.89 2.53
C SER B 39 -19.60 13.23 2.20
N THR B 40 -20.12 13.38 0.99
CA THR B 40 -20.80 14.61 0.57
C THR B 40 -22.09 14.86 1.35
N SER B 41 -22.62 13.83 2.01
CA SER B 41 -23.84 14.00 2.78
C SER B 41 -23.55 14.32 4.25
N THR B 42 -22.29 14.21 4.66
CA THR B 42 -21.93 14.49 6.04
C THR B 42 -20.92 15.64 6.17
N HIS B 43 -20.33 16.03 5.05
CA HIS B 43 -19.29 17.06 5.09
C HIS B 43 -19.50 18.12 4.03
N ASP B 44 -19.10 19.34 4.35
CA ASP B 44 -19.25 20.47 3.45
C ASP B 44 -17.90 20.71 2.78
N PHE B 45 -17.73 20.14 1.59
CA PHE B 45 -16.43 20.12 0.92
C PHE B 45 -15.92 21.49 0.51
N PRO B 46 -16.80 22.33 -0.04
CA PRO B 46 -16.36 23.69 -0.39
C PRO B 46 -15.87 24.44 0.84
N ALA B 47 -16.61 24.36 1.94
CA ALA B 47 -16.22 25.05 3.16
C ALA B 47 -14.91 24.49 3.72
N MET B 48 -14.79 23.17 3.76
CA MET B 48 -13.61 22.53 4.30
C MET B 48 -12.35 22.68 3.46
N PHE B 49 -12.49 22.59 2.13
CA PHE B 49 -11.33 22.47 1.24
C PHE B 49 -11.25 23.48 0.11
N GLY B 50 -12.25 24.34 -0.01
CA GLY B 50 -12.34 25.27 -1.13
C GLY B 50 -11.10 26.09 -1.43
N ASP B 51 -10.39 26.51 -0.40
CA ASP B 51 -9.21 27.34 -0.57
C ASP B 51 -7.88 26.59 -0.77
N VAL B 52 -7.94 25.26 -0.87
CA VAL B 52 -6.72 24.46 -1.03
C VAL B 52 -6.05 24.74 -2.36
N LYS B 53 -4.73 25.00 -2.33
CA LYS B 53 -3.98 25.28 -3.57
C LYS B 53 -2.80 24.33 -3.72
N PHE B 54 -2.32 23.81 -2.60
CA PHE B 54 -1.17 22.92 -2.62
C PHE B 54 -1.51 21.63 -1.89
N VAL B 55 -1.41 20.52 -2.60
CA VAL B 55 -1.68 19.22 -2.01
C VAL B 55 -0.39 18.43 -2.03
N CYS B 56 0.13 18.12 -0.85
CA CYS B 56 1.35 17.32 -0.76
C CYS B 56 1.05 15.94 -0.21
N VAL B 57 1.64 14.92 -0.83
CA VAL B 57 1.36 13.54 -0.46
C VAL B 57 2.64 12.77 -0.23
N GLY B 58 2.60 11.83 0.73
CA GLY B 58 3.74 11.03 1.09
C GLY B 58 3.30 9.78 1.83
N GLY B 59 4.19 8.79 1.89
CA GLY B 59 3.84 7.50 2.48
C GLY B 59 3.43 7.49 3.95
N SER B 60 4.21 8.15 4.80
CA SER B 60 4.07 8.01 6.25
C SER B 60 3.21 9.09 6.89
N PRO B 61 2.17 8.69 7.63
CA PRO B 61 1.27 9.63 8.29
C PRO B 61 2.03 10.56 9.24
N SER B 62 2.98 10.04 9.99
CA SER B 62 3.72 10.86 10.94
C SER B 62 4.65 11.86 10.23
N ARG B 63 5.22 11.48 9.09
CA ARG B 63 5.98 12.43 8.28
C ARG B 63 5.08 13.51 7.69
N MET B 64 3.88 13.13 7.24
CA MET B 64 2.97 14.10 6.65
C MET B 64 2.39 15.04 7.71
N LYS B 65 2.35 14.60 8.96
CA LYS B 65 1.96 15.50 10.04
C LYS B 65 3.11 16.44 10.39
N ALA B 66 4.32 15.90 10.50
CA ALA B 66 5.48 16.75 10.75
C ALA B 66 5.60 17.80 9.64
N PHE B 67 5.23 17.42 8.42
CA PHE B 67 5.28 18.35 7.31
C PHE B 67 4.31 19.51 7.46
N ILE B 68 3.07 19.21 7.84
CA ILE B 68 2.07 20.28 8.00
C ILE B 68 2.49 21.27 9.09
N LYS B 69 3.09 20.76 10.16
CA LYS B 69 3.58 21.61 11.24
C LYS B 69 4.73 22.48 10.77
N TYR B 70 5.63 21.88 10.01
CA TYR B 70 6.77 22.62 9.49
C TYR B 70 6.31 23.74 8.56
N VAL B 71 5.35 23.42 7.69
CA VAL B 71 4.86 24.43 6.75
C VAL B 71 4.03 25.51 7.46
N ALA B 72 3.34 25.13 8.53
CA ALA B 72 2.62 26.11 9.34
C ALA B 72 3.57 27.15 9.93
N MET B 73 4.72 26.69 10.42
CA MET B 73 5.71 27.61 10.96
C MET B 73 6.28 28.54 9.88
N GLU B 74 6.54 27.98 8.71
CA GLU B 74 7.15 28.75 7.62
C GLU B 74 6.24 29.83 7.05
N LEU B 75 4.93 29.61 7.13
CA LEU B 75 3.97 30.56 6.57
C LEU B 75 3.31 31.41 7.67
N GLY B 76 3.86 31.34 8.88
CA GLY B 76 3.39 32.18 9.96
C GLY B 76 2.03 31.85 10.55
N PHE B 77 1.53 30.65 10.28
CA PHE B 77 0.25 30.21 10.82
C PHE B 77 0.40 29.65 12.24
N ALA B 78 1.62 29.25 12.58
CA ALA B 78 1.87 28.50 13.81
C ALA B 78 1.71 29.32 15.11
N HIS B 79 1.54 28.61 16.23
CA HIS B 79 1.43 29.24 17.54
C HIS B 79 2.68 29.01 18.37
N ALA B 82 -0.54 25.32 19.07
CA ALA B 82 -1.72 25.03 18.28
C ALA B 82 -1.82 23.53 17.96
N ASP B 83 -3.01 23.10 17.57
CA ASP B 83 -3.26 21.70 17.28
C ASP B 83 -3.51 21.43 15.79
N TYR B 84 -3.04 20.28 15.32
CA TYR B 84 -3.22 19.89 13.93
C TYR B 84 -4.03 18.61 13.83
N PRO B 85 -5.35 18.75 13.77
CA PRO B 85 -6.29 17.63 13.81
C PRO B 85 -6.17 16.75 12.56
N ASN B 86 -6.23 15.43 12.76
CA ASN B 86 -6.31 14.50 11.65
C ASN B 86 -7.72 14.54 11.07
N ILE B 87 -7.84 15.03 9.84
CA ILE B 87 -9.13 15.19 9.18
C ILE B 87 -9.80 13.84 8.91
N CYS B 88 -8.98 12.80 8.74
CA CYS B 88 -9.46 11.44 8.50
C CYS B 88 -9.62 10.64 9.78
N GLU B 89 -10.06 11.30 10.85
CA GLU B 89 -10.51 10.56 12.03
C GLU B 89 -11.73 9.77 11.59
N GLY B 90 -11.89 8.56 12.08
CA GLY B 90 -12.93 7.69 11.58
C GLY B 90 -12.34 6.59 10.73
N THR B 91 -11.04 6.70 10.43
CA THR B 91 -10.34 5.68 9.66
C THR B 91 -8.85 5.71 9.96
N ASP B 92 -8.16 4.59 9.75
CA ASP B 92 -6.71 4.58 9.83
C ASP B 92 -6.02 4.17 8.52
N ARG B 93 -6.74 4.26 7.40
CA ARG B 93 -6.14 3.95 6.10
C ARG B 93 -5.16 5.06 5.67
N TYR B 94 -5.59 6.31 5.85
CA TYR B 94 -4.78 7.46 5.47
C TYR B 94 -4.98 8.55 6.51
N ALA B 95 -3.99 9.43 6.66
CA ALA B 95 -4.15 10.62 7.49
C ALA B 95 -4.15 11.89 6.62
N MET B 96 -4.79 12.95 7.11
CA MET B 96 -4.95 14.18 6.33
C MET B 96 -4.93 15.42 7.23
N PHE B 97 -4.17 16.44 6.82
CA PHE B 97 -4.05 17.66 7.60
C PHE B 97 -4.13 18.89 6.70
N LYS B 98 -4.56 20.02 7.27
CA LYS B 98 -4.70 21.26 6.50
C LYS B 98 -4.30 22.50 7.29
N VAL B 99 -3.51 23.37 6.67
CA VAL B 99 -3.23 24.70 7.19
C VAL B 99 -3.26 25.68 6.04
N GLY B 100 -4.16 26.65 6.11
CA GLY B 100 -4.33 27.59 5.01
C GLY B 100 -4.60 26.85 3.71
N PRO B 101 -3.85 27.19 2.65
CA PRO B 101 -4.05 26.62 1.31
C PRO B 101 -3.28 25.32 1.12
N VAL B 102 -2.69 24.78 2.20
CA VAL B 102 -1.91 23.56 2.09
C VAL B 102 -2.62 22.36 2.71
N LEU B 103 -2.80 21.32 1.89
CA LEU B 103 -3.32 20.04 2.38
C LEU B 103 -2.22 18.98 2.34
N SER B 104 -2.13 18.21 3.41
CA SER B 104 -1.12 17.16 3.52
C SER B 104 -1.79 15.80 3.73
N VAL B 105 -1.50 14.83 2.88
CA VAL B 105 -2.16 13.53 2.94
C VAL B 105 -1.16 12.38 2.85
N SER B 106 -1.33 11.34 3.68
CA SER B 106 -0.50 10.15 3.57
C SER B 106 -1.13 9.19 2.54
N HIS B 107 -0.33 8.28 2.01
CA HIS B 107 -0.82 7.38 0.96
C HIS B 107 -0.35 5.93 1.09
N GLY B 108 0.37 5.62 2.16
CA GLY B 108 0.85 4.26 2.36
C GLY B 108 1.92 3.90 1.36
N MET B 109 2.16 2.61 1.14
CA MET B 109 3.22 2.22 0.22
C MET B 109 2.69 1.41 -0.96
N GLY B 110 3.06 1.80 -2.18
CA GLY B 110 2.72 1.02 -3.35
C GLY B 110 1.72 1.67 -4.31
N VAL B 111 1.83 1.32 -5.59
CA VAL B 111 0.92 1.83 -6.62
C VAL B 111 -0.57 1.72 -6.25
N PRO B 112 -1.04 0.55 -5.82
CA PRO B 112 -2.46 0.43 -5.44
C PRO B 112 -2.84 1.32 -4.24
N SER B 113 -1.98 1.42 -3.23
CA SER B 113 -2.30 2.23 -2.06
C SER B 113 -2.41 3.72 -2.41
N ILE B 114 -1.47 4.24 -3.19
CA ILE B 114 -1.53 5.63 -3.58
C ILE B 114 -2.64 5.88 -4.61
N ALA B 115 -2.90 4.88 -5.47
CA ALA B 115 -3.99 5.00 -6.43
C ALA B 115 -5.36 5.17 -5.75
N ILE B 116 -5.62 4.42 -4.70
CA ILE B 116 -6.89 4.57 -3.97
C ILE B 116 -6.98 5.99 -3.41
N MET B 117 -5.90 6.42 -2.80
CA MET B 117 -5.86 7.76 -2.29
C MET B 117 -6.11 8.82 -3.39
N LEU B 118 -5.48 8.65 -4.55
CA LEU B 118 -5.64 9.63 -5.62
C LEU B 118 -7.07 9.76 -6.14
N HIS B 119 -7.74 8.64 -6.32
CA HIS B 119 -9.14 8.66 -6.79
C HIS B 119 -10.01 9.48 -5.84
N GLU B 120 -9.91 9.17 -4.55
CA GLU B 120 -10.75 9.82 -3.56
C GLU B 120 -10.32 11.26 -3.30
N LEU B 121 -9.03 11.54 -3.51
CA LEU B 121 -8.54 12.88 -3.30
C LEU B 121 -8.92 13.82 -4.45
N ILE B 122 -8.80 13.33 -5.68
CA ILE B 122 -9.21 14.11 -6.84
C ILE B 122 -10.71 14.39 -6.81
N LYS B 123 -11.49 13.41 -6.35
CA LYS B 123 -12.93 13.65 -6.15
C LYS B 123 -13.17 14.69 -5.05
N LEU B 124 -12.40 14.61 -3.96
CA LEU B 124 -12.49 15.61 -2.89
C LEU B 124 -12.27 17.04 -3.42
N LEU B 125 -11.19 17.24 -4.19
CA LEU B 125 -10.88 18.54 -4.76
C LEU B 125 -11.96 19.01 -5.73
N TYR B 126 -12.52 18.08 -6.47
CA TYR B 126 -13.60 18.39 -7.41
C TYR B 126 -14.89 18.81 -6.69
N HIS B 127 -15.27 18.04 -5.68
CA HIS B 127 -16.45 18.39 -4.87
C HIS B 127 -16.26 19.75 -4.21
N ALA B 128 -15.02 20.05 -3.80
CA ALA B 128 -14.72 21.30 -3.11
C ALA B 128 -14.62 22.49 -4.06
N HIS B 129 -14.61 22.23 -5.37
CA HIS B 129 -14.46 23.25 -6.40
C HIS B 129 -13.12 23.99 -6.29
N CYS B 130 -12.06 23.25 -5.96
CA CYS B 130 -10.74 23.83 -5.89
C CYS B 130 -10.29 24.26 -7.28
N SER B 131 -9.37 25.21 -7.36
CA SER B 131 -8.85 25.67 -8.65
C SER B 131 -7.39 26.07 -8.54
N GLY B 132 -6.67 25.95 -9.65
CA GLY B 132 -5.25 26.27 -9.67
C GLY B 132 -4.41 25.46 -8.70
N VAL B 133 -4.70 24.17 -8.60
CA VAL B 133 -4.03 23.30 -7.65
C VAL B 133 -2.71 22.73 -8.18
N THR B 134 -1.75 22.52 -7.29
CA THR B 134 -0.53 21.80 -7.61
C THR B 134 -0.44 20.59 -6.68
N LEU B 135 -0.15 19.42 -7.25
CA LEU B 135 0.04 18.20 -6.47
C LEU B 135 1.50 17.78 -6.49
N ILE B 136 2.06 17.53 -5.31
CA ILE B 136 3.46 17.13 -5.19
C ILE B 136 3.65 15.94 -4.28
N ARG B 137 4.28 14.89 -4.79
CA ARG B 137 4.67 13.79 -3.94
C ARG B 137 6.02 14.09 -3.28
N ILE B 138 6.08 13.94 -1.97
CA ILE B 138 7.35 13.99 -1.26
C ILE B 138 7.61 12.64 -0.61
N GLY B 139 8.71 11.98 -0.99
CA GLY B 139 8.96 10.62 -0.56
C GLY B 139 10.41 10.23 -0.38
N THR B 140 10.64 8.93 -0.30
CA THR B 140 11.98 8.38 -0.17
C THR B 140 12.20 7.40 -1.31
N SER B 141 13.46 7.11 -1.58
CA SER B 141 13.79 6.23 -2.70
C SER B 141 15.18 5.68 -2.53
N GLY B 142 15.56 4.76 -3.41
CA GLY B 142 16.94 4.33 -3.51
C GLY B 142 17.60 5.07 -4.67
N GLY B 143 18.82 5.56 -4.46
CA GLY B 143 19.53 6.24 -5.51
C GLY B 143 20.41 5.31 -6.34
N ILE B 144 20.72 5.73 -7.56
CA ILE B 144 21.69 5.02 -8.38
C ILE B 144 22.81 5.99 -8.76
N GLY B 145 24.01 5.72 -8.25
CA GLY B 145 25.17 6.55 -8.54
C GLY B 145 25.11 7.95 -7.98
N LEU B 146 24.42 8.12 -6.85
CA LEU B 146 24.31 9.41 -6.17
C LEU B 146 24.67 9.23 -4.71
N GLU B 147 25.29 10.23 -4.10
CA GLU B 147 25.57 10.13 -2.68
C GLU B 147 24.26 10.07 -1.91
N PRO B 148 24.21 9.26 -0.84
CA PRO B 148 23.00 9.15 -0.01
C PRO B 148 22.58 10.52 0.52
N GLY B 149 21.28 10.75 0.60
CA GLY B 149 20.76 12.05 0.99
C GLY B 149 20.54 13.02 -0.16
N SER B 150 20.94 12.63 -1.37
CA SER B 150 20.66 13.47 -2.55
C SER B 150 19.16 13.48 -2.82
N VAL B 151 18.62 14.62 -3.23
CA VAL B 151 17.23 14.70 -3.62
C VAL B 151 17.09 14.63 -5.14
N VAL B 152 16.12 13.84 -5.63
CA VAL B 152 15.87 13.75 -7.06
C VAL B 152 14.53 14.39 -7.39
N ILE B 153 14.51 15.28 -8.37
CA ILE B 153 13.26 15.79 -8.90
C ILE B 153 12.97 15.04 -10.19
N THR B 154 11.88 14.27 -10.17
CA THR B 154 11.56 13.37 -11.27
C THR B 154 11.14 14.10 -12.54
N ARG B 155 11.86 13.86 -13.63
CA ARG B 155 11.48 14.43 -14.92
C ARG B 155 10.43 13.53 -15.55
N GLN B 156 10.70 12.24 -15.51
CA GLN B 156 9.84 11.27 -16.15
C GLN B 156 9.78 10.05 -15.23
N ALA B 157 8.57 9.57 -14.94
CA ALA B 157 8.42 8.32 -14.24
C ALA B 157 8.52 7.18 -15.25
N VAL B 158 9.09 6.06 -14.82
CA VAL B 158 9.50 5.03 -15.74
C VAL B 158 9.28 3.61 -15.17
N ASP B 159 8.85 2.67 -16.01
CA ASP B 159 8.61 1.31 -15.55
C ASP B 159 9.91 0.51 -15.45
N PRO B 160 9.84 -0.73 -14.96
CA PRO B 160 11.08 -1.51 -14.74
C PRO B 160 11.83 -1.86 -16.02
N CYS B 161 11.25 -1.54 -17.18
CA CYS B 161 11.93 -1.76 -18.46
C CYS B 161 12.39 -0.42 -19.03
N PHE B 162 12.09 0.59 -18.28
CA PHE B 162 12.56 1.95 -18.56
C PHE B 162 11.64 2.74 -19.49
N LYS B 163 10.52 2.28 -19.64
CA LYS B 163 9.56 2.96 -20.52
C LYS B 163 8.64 3.87 -19.70
N PRO B 164 8.43 5.11 -20.18
CA PRO B 164 7.55 6.05 -19.47
C PRO B 164 6.08 5.72 -19.68
N GLU B 165 5.63 4.56 -19.20
CA GLU B 165 4.24 4.15 -19.36
C GLU B 165 3.72 3.55 -18.07
N PHE B 166 2.44 3.77 -17.78
CA PHE B 166 1.78 3.09 -16.69
C PHE B 166 0.72 2.14 -17.23
N GLU B 167 0.88 0.85 -16.96
CA GLU B 167 -0.05 -0.16 -17.41
C GLU B 167 -1.09 -0.49 -16.33
N GLN B 168 -2.34 -0.58 -16.76
CA GLN B 168 -3.42 -0.95 -15.85
C GLN B 168 -4.42 -1.87 -16.55
N ILE B 169 -4.95 -2.84 -15.82
CA ILE B 169 -5.94 -3.75 -16.39
C ILE B 169 -7.36 -3.31 -16.03
N VAL B 170 -8.15 -2.98 -17.05
CA VAL B 170 -9.49 -2.45 -16.88
C VAL B 170 -10.49 -3.40 -17.55
N LEU B 171 -11.39 -3.98 -16.75
CA LEU B 171 -12.34 -4.98 -17.24
C LEU B 171 -11.62 -6.09 -18.01
N GLY B 172 -10.41 -6.44 -17.57
CA GLY B 172 -9.67 -7.52 -18.18
C GLY B 172 -8.76 -7.15 -19.34
N LYS B 173 -8.82 -5.88 -19.77
CA LYS B 173 -7.99 -5.41 -20.88
C LYS B 173 -6.87 -4.48 -20.41
N ARG B 174 -5.69 -4.63 -21.01
CA ARG B 174 -4.56 -3.75 -20.71
C ARG B 174 -4.74 -2.36 -21.28
N GLU B 175 -4.48 -1.35 -20.46
CA GLU B 175 -4.48 0.06 -20.87
C GLU B 175 -3.20 0.73 -20.41
N VAL B 176 -2.63 1.61 -21.23
CA VAL B 176 -1.41 2.31 -20.85
C VAL B 176 -1.60 3.82 -20.93
N ARG B 177 -0.99 4.53 -19.99
CA ARG B 177 -1.01 5.99 -20.00
C ARG B 177 0.42 6.51 -19.89
N ASN B 178 0.66 7.68 -20.48
CA ASN B 178 1.98 8.28 -20.43
C ASN B 178 2.27 8.83 -19.04
N THR B 179 3.53 8.75 -18.61
CA THR B 179 3.90 9.14 -17.25
C THR B 179 4.93 10.26 -17.19
N ASP B 180 4.84 11.21 -18.13
CA ASP B 180 5.69 12.40 -18.08
C ASP B 180 5.19 13.35 -17.00
N LEU B 181 6.12 14.17 -16.49
CA LEU B 181 5.76 15.22 -15.54
C LEU B 181 6.02 16.62 -16.12
N ASP B 182 5.29 17.60 -15.61
CA ASP B 182 5.37 18.99 -16.07
C ASP B 182 6.81 19.50 -15.99
N GLU B 183 7.38 19.84 -17.14
CA GLU B 183 8.78 20.30 -17.25
C GLU B 183 9.06 21.64 -16.58
N GLN B 184 8.10 22.55 -16.69
CA GLN B 184 8.28 23.87 -16.11
C GLN B 184 8.33 23.75 -14.59
N LEU B 185 7.45 22.92 -14.04
CA LEU B 185 7.43 22.67 -12.61
C LEU B 185 8.77 22.10 -12.11
N VAL B 186 9.37 21.17 -12.84
CA VAL B 186 10.63 20.60 -12.35
C VAL B 186 11.76 21.62 -12.34
N GLN B 187 11.81 22.50 -13.34
CA GLN B 187 12.84 23.53 -13.38
C GLN B 187 12.65 24.52 -12.24
N GLU B 188 11.40 24.86 -11.97
CA GLU B 188 11.06 25.72 -10.84
C GLU B 188 11.52 25.08 -9.52
N LEU B 189 11.23 23.80 -9.35
CA LEU B 189 11.63 23.08 -8.15
C LEU B 189 13.14 23.04 -7.99
N ALA B 190 13.85 22.88 -9.11
CA ALA B 190 15.31 22.92 -9.11
C ALA B 190 15.84 24.29 -8.63
N ARG B 191 15.21 25.37 -9.09
CA ARG B 191 15.59 26.72 -8.65
C ARG B 191 15.33 26.92 -7.16
N CYS B 192 14.22 26.39 -6.66
CA CYS B 192 13.92 26.47 -5.24
C CYS B 192 15.01 25.79 -4.43
N SER B 193 15.47 24.62 -4.90
CA SER B 193 16.50 23.90 -4.18
C SER B 193 17.84 24.66 -4.21
N ALA B 194 18.13 25.31 -5.33
CA ALA B 194 19.33 26.14 -5.45
C ALA B 194 19.29 27.27 -4.43
N GLU B 195 18.09 27.82 -4.21
CA GLU B 195 17.92 28.92 -3.27
C GLU B 195 18.20 28.52 -1.81
N LEU B 196 17.83 27.29 -1.44
CA LEU B 196 18.12 26.80 -0.08
C LEU B 196 19.61 26.53 0.11
N GLY B 197 20.24 25.90 -0.88
CA GLY B 197 21.66 25.59 -0.83
C GLY B 197 22.06 24.64 0.28
N GLU B 198 21.22 23.66 0.59
CA GLU B 198 21.40 22.81 1.76
C GLU B 198 21.82 21.35 1.47
N PHE B 199 21.53 20.88 0.26
CA PHE B 199 21.83 19.49 -0.09
C PHE B 199 21.80 19.32 -1.60
N PRO B 200 22.46 18.29 -2.12
CA PRO B 200 22.54 18.04 -3.57
C PRO B 200 21.16 17.67 -4.13
N THR B 201 20.80 18.24 -5.26
CA THR B 201 19.51 17.97 -5.88
C THR B 201 19.69 17.88 -7.38
N VAL B 202 19.28 16.77 -7.97
CA VAL B 202 19.37 16.61 -9.42
C VAL B 202 18.00 16.38 -10.03
N VAL B 203 17.88 16.64 -11.31
CA VAL B 203 16.72 16.14 -12.02
C VAL B 203 17.12 14.92 -12.84
N GLY B 204 16.30 13.87 -12.73
CA GLY B 204 16.57 12.62 -13.42
C GLY B 204 15.29 11.84 -13.56
N ASN B 205 15.35 10.69 -14.21
CA ASN B 205 14.19 9.83 -14.29
C ASN B 205 14.08 8.93 -13.05
N THR B 206 12.86 8.50 -12.78
CA THR B 206 12.56 7.70 -11.60
C THR B 206 11.88 6.39 -12.00
N MET B 207 12.46 5.27 -11.59
CA MET B 207 11.88 3.96 -11.87
C MET B 207 10.93 3.54 -10.76
N CYS B 208 9.75 3.12 -11.14
CA CYS B 208 8.71 2.78 -10.17
C CYS B 208 8.45 1.28 -10.25
N THR B 209 8.42 0.61 -9.11
CA THR B 209 8.31 -0.86 -9.10
C THR B 209 7.21 -1.35 -8.17
N LEU B 210 6.77 -2.58 -8.39
CA LEU B 210 5.73 -3.19 -7.57
C LEU B 210 6.28 -4.00 -6.39
N ASP B 211 7.61 -4.13 -6.32
CA ASP B 211 8.24 -4.88 -5.25
C ASP B 211 9.53 -4.19 -4.83
N PHE B 212 9.73 -4.09 -3.52
CA PHE B 212 10.88 -3.39 -2.93
C PHE B 212 12.15 -4.24 -2.98
N TYR B 213 11.98 -5.56 -2.99
CA TYR B 213 13.11 -6.49 -2.90
C TYR B 213 13.58 -7.06 -4.25
N GLU B 214 12.95 -8.13 -4.72
CA GLU B 214 13.24 -8.65 -6.07
C GLU B 214 12.88 -7.63 -7.14
N GLY B 215 11.80 -6.89 -6.91
CA GLY B 215 11.38 -5.86 -7.84
C GLY B 215 12.40 -4.73 -8.01
N GLN B 216 13.35 -4.62 -7.10
CA GLN B 216 14.38 -3.57 -7.22
C GLN B 216 15.80 -4.12 -7.26
N GLY B 217 15.94 -5.42 -7.52
CA GLY B 217 17.25 -6.02 -7.66
C GLY B 217 18.00 -6.26 -6.35
N ARG B 218 17.28 -6.22 -5.23
CA ARG B 218 17.91 -6.47 -3.91
C ARG B 218 18.34 -7.93 -3.72
N LEU B 219 19.37 -8.14 -2.91
CA LEU B 219 19.82 -9.49 -2.59
C LEU B 219 19.37 -9.91 -1.19
N ASP B 220 18.65 -9.03 -0.49
CA ASP B 220 18.31 -9.28 0.90
C ASP B 220 16.83 -9.57 1.16
N GLY B 221 16.12 -10.07 0.14
CA GLY B 221 14.72 -10.43 0.32
C GLY B 221 14.57 -11.84 0.85
N ALA B 222 13.32 -12.27 1.07
CA ALA B 222 13.05 -13.64 1.45
C ALA B 222 13.24 -14.56 0.25
N LEU B 223 13.18 -13.98 -0.95
CA LEU B 223 13.40 -14.71 -2.19
C LEU B 223 14.40 -13.97 -3.05
N CYS B 224 15.29 -14.70 -3.71
CA CYS B 224 16.27 -14.12 -4.63
C CYS B 224 16.98 -15.21 -5.43
N SER B 225 16.82 -15.18 -6.75
CA SER B 225 17.47 -16.19 -7.59
C SER B 225 18.55 -15.59 -8.52
N TYR B 226 19.17 -14.49 -8.11
CA TYR B 226 20.19 -13.87 -8.94
C TYR B 226 21.41 -13.43 -8.12
N THR B 227 22.43 -12.94 -8.81
CA THR B 227 23.70 -12.60 -8.16
C THR B 227 23.97 -11.10 -8.08
N GLU B 228 24.95 -10.74 -7.27
CA GLU B 228 25.46 -9.37 -7.19
C GLU B 228 25.78 -8.83 -8.58
N LYS B 229 26.39 -9.68 -9.41
CA LYS B 229 26.73 -9.28 -10.77
C LYS B 229 25.51 -8.93 -11.61
N ASP B 230 24.43 -9.70 -11.44
CA ASP B 230 23.20 -9.46 -12.19
C ASP B 230 22.57 -8.13 -11.77
N LYS B 231 22.58 -7.88 -10.46
CA LYS B 231 22.06 -6.64 -9.89
C LYS B 231 22.78 -5.42 -10.44
N GLN B 232 24.11 -5.47 -10.42
CA GLN B 232 24.97 -4.36 -10.85
C GLN B 232 24.72 -4.05 -12.32
N ASP B 233 24.58 -5.10 -13.12
CA ASP B 233 24.36 -4.96 -14.54
C ASP B 233 23.02 -4.29 -14.83
N TYR B 234 21.99 -4.70 -14.09
CA TYR B 234 20.66 -4.12 -14.26
C TYR B 234 20.61 -2.66 -13.82
N LEU B 235 21.18 -2.38 -12.65
CA LEU B 235 21.24 -1.03 -12.10
C LEU B 235 22.06 -0.06 -12.96
N ARG B 236 23.19 -0.51 -13.49
CA ARG B 236 24.00 0.34 -14.35
C ARG B 236 23.32 0.58 -15.69
N ALA B 237 22.62 -0.43 -16.21
CA ALA B 237 21.78 -0.23 -17.38
C ALA B 237 20.69 0.82 -17.13
N ALA B 238 20.05 0.76 -15.96
CA ALA B 238 19.05 1.76 -15.60
C ALA B 238 19.66 3.16 -15.59
N TYR B 239 20.84 3.27 -15.01
CA TYR B 239 21.53 4.55 -14.94
C TYR B 239 21.86 5.11 -16.33
N ALA B 240 22.25 4.22 -17.25
CA ALA B 240 22.58 4.63 -18.61
C ALA B 240 21.35 5.14 -19.34
N ALA B 241 20.19 4.64 -18.95
CA ALA B 241 18.94 5.09 -19.55
C ALA B 241 18.43 6.37 -18.87
N GLY B 242 19.22 6.92 -17.96
CA GLY B 242 18.89 8.20 -17.35
C GLY B 242 18.18 8.10 -16.00
N ILE B 243 18.10 6.90 -15.45
CA ILE B 243 17.43 6.72 -14.18
C ILE B 243 18.36 7.05 -13.02
N ARG B 244 17.88 7.85 -12.08
CA ARG B 244 18.72 8.26 -10.95
C ARG B 244 18.19 7.73 -9.60
N ASN B 245 16.91 7.34 -9.58
CA ASN B 245 16.37 6.75 -8.35
C ASN B 245 15.24 5.75 -8.59
N ILE B 246 14.85 5.07 -7.52
CA ILE B 246 13.92 3.96 -7.58
C ILE B 246 12.96 4.04 -6.42
N GLU B 247 11.66 4.06 -6.71
CA GLU B 247 10.65 4.01 -5.68
C GLU B 247 9.40 3.27 -6.16
N MET B 248 8.25 3.55 -5.56
CA MET B 248 7.09 2.69 -5.78
C MET B 248 5.75 3.41 -6.00
N GLU B 249 5.76 4.70 -6.28
CA GLU B 249 4.50 5.43 -6.52
C GLU B 249 4.48 6.33 -7.75
N ALA B 250 5.65 6.70 -8.25
CA ALA B 250 5.76 7.74 -9.26
C ALA B 250 4.90 7.51 -10.50
N SER B 251 4.79 6.26 -10.95
CA SER B 251 4.05 5.94 -12.17
C SER B 251 2.55 6.24 -12.14
N VAL B 252 1.81 5.71 -11.18
CA VAL B 252 0.37 6.02 -11.12
C VAL B 252 0.13 7.50 -10.87
N PHE B 253 0.94 8.06 -9.98
CA PHE B 253 0.82 9.46 -9.61
C PHE B 253 0.85 10.31 -10.89
N ALA B 254 1.88 10.10 -11.72
CA ALA B 254 2.02 10.85 -12.96
C ALA B 254 0.86 10.59 -13.91
N ALA B 255 0.48 9.32 -14.08
CA ALA B 255 -0.55 8.96 -15.04
C ALA B 255 -1.91 9.55 -14.68
N MET B 256 -2.28 9.48 -13.40
CA MET B 256 -3.58 10.00 -12.97
C MET B 256 -3.63 11.52 -12.97
N CYS B 257 -2.53 12.17 -12.60
CA CYS B 257 -2.47 13.63 -12.68
C CYS B 257 -2.55 14.11 -14.14
N ASN B 258 -1.80 13.46 -15.03
CA ASN B 258 -1.89 13.75 -16.46
C ASN B 258 -3.31 13.57 -16.98
N ALA B 259 -3.95 12.46 -16.61
CA ALA B 259 -5.32 12.18 -17.02
C ALA B 259 -6.30 13.29 -16.65
N CYS B 260 -6.14 13.88 -15.47
CA CYS B 260 -7.08 14.92 -15.03
C CYS B 260 -6.59 16.35 -15.29
N GLY B 261 -5.47 16.49 -16.00
CA GLY B 261 -4.95 17.82 -16.29
C GLY B 261 -4.40 18.58 -15.09
N LEU B 262 -3.87 17.85 -14.11
CA LEU B 262 -3.32 18.48 -12.90
C LEU B 262 -1.81 18.63 -12.99
N ARG B 263 -1.31 19.83 -12.69
CA ARG B 263 0.12 20.08 -12.59
C ARG B 263 0.65 19.30 -11.40
N ALA B 264 1.65 18.44 -11.63
CA ALA B 264 2.16 17.58 -10.57
C ALA B 264 3.67 17.39 -10.61
N ALA B 265 4.26 17.02 -9.47
CA ALA B 265 5.69 16.79 -9.38
C ALA B 265 6.04 15.73 -8.34
N VAL B 266 7.20 15.11 -8.52
CA VAL B 266 7.68 14.10 -7.59
C VAL B 266 9.08 14.46 -7.09
N VAL B 267 9.21 14.58 -5.77
CA VAL B 267 10.45 14.98 -5.13
C VAL B 267 10.78 13.97 -4.03
N CYS B 268 11.85 13.21 -4.23
CA CYS B 268 12.23 12.16 -3.28
C CYS B 268 13.70 12.25 -2.87
N VAL B 269 13.97 12.04 -1.59
CA VAL B 269 15.35 11.91 -1.12
C VAL B 269 15.81 10.46 -1.30
N THR B 270 17.09 10.26 -1.61
CA THR B 270 17.65 8.90 -1.65
C THR B 270 18.18 8.51 -0.28
N LEU B 271 17.85 7.31 0.17
CA LEU B 271 18.26 6.85 1.50
C LEU B 271 19.56 6.05 1.46
N LEU B 272 19.95 5.60 0.26
CA LEU B 272 21.19 4.87 0.06
C LEU B 272 21.56 4.91 -1.42
N ASN B 273 22.82 4.58 -1.72
CA ASN B 273 23.26 4.38 -3.08
C ASN B 273 23.24 2.88 -3.35
N ARG B 274 22.33 2.46 -4.23
CA ARG B 274 22.08 1.05 -4.49
C ARG B 274 23.22 0.34 -5.22
N LEU B 275 24.13 1.10 -5.83
CA LEU B 275 25.31 0.47 -6.43
C LEU B 275 26.25 -0.04 -5.33
N GLU B 276 26.03 0.42 -4.10
CA GLU B 276 26.90 0.09 -2.98
C GLU B 276 26.24 -0.85 -1.97
N GLY B 277 24.92 -0.99 -2.02
CA GLY B 277 24.24 -1.85 -1.08
C GLY B 277 22.72 -1.95 -1.24
N ASP B 278 22.12 -2.78 -0.39
CA ASP B 278 20.68 -3.02 -0.39
C ASP B 278 20.04 -2.60 0.92
N GLN B 279 20.74 -2.81 2.03
CA GLN B 279 20.16 -2.59 3.35
C GLN B 279 20.23 -1.12 3.74
N ILE B 280 19.27 -0.67 4.53
CA ILE B 280 19.21 0.72 4.96
C ILE B 280 19.73 0.86 6.38
N SER B 281 21.03 1.16 6.50
CA SER B 281 21.75 1.05 7.77
C SER B 281 22.26 2.36 8.36
N SER B 282 21.97 3.48 7.69
CA SER B 282 22.32 4.77 8.26
C SER B 282 21.68 4.93 9.63
N PRO B 283 22.37 5.63 10.54
CA PRO B 283 21.80 5.92 11.87
C PRO B 283 20.44 6.59 11.76
N HIS B 284 19.57 6.34 12.73
CA HIS B 284 18.23 6.90 12.74
C HIS B 284 18.19 8.42 12.59
N ASP B 285 19.16 9.10 13.19
CA ASP B 285 19.19 10.56 13.14
C ASP B 285 19.50 11.05 11.73
N VAL B 286 20.35 10.31 11.03
CA VAL B 286 20.70 10.65 9.66
C VAL B 286 19.50 10.48 8.72
N LEU B 287 18.75 9.38 8.88
CA LEU B 287 17.57 9.13 8.05
C LEU B 287 16.47 10.14 8.33
N ALA B 288 16.31 10.49 9.59
CA ALA B 288 15.32 11.48 9.98
C ALA B 288 15.60 12.80 9.27
N GLU B 289 16.87 13.19 9.23
CA GLU B 289 17.24 14.44 8.58
C GLU B 289 17.14 14.36 7.05
N TYR B 290 17.54 13.23 6.47
CA TYR B 290 17.40 13.03 5.04
C TYR B 290 15.94 13.27 4.63
N GLN B 291 15.02 12.77 5.44
CA GLN B 291 13.60 12.85 5.13
C GLN B 291 12.99 14.24 5.26
N GLN B 292 13.72 15.16 5.90
CA GLN B 292 13.23 16.54 6.00
C GLN B 292 13.59 17.34 4.75
N ARG B 293 14.55 16.83 3.98
CA ARG B 293 15.03 17.57 2.81
C ARG B 293 13.93 17.87 1.77
N PRO B 294 13.15 16.84 1.37
CA PRO B 294 12.04 17.12 0.46
C PRO B 294 11.01 18.10 1.04
N GLN B 295 10.76 18.01 2.34
CA GLN B 295 9.84 18.96 3.00
C GLN B 295 10.35 20.39 2.86
N ARG B 296 11.65 20.57 3.08
CA ARG B 296 12.24 21.89 3.02
C ARG B 296 12.19 22.45 1.61
N LEU B 297 12.49 21.60 0.64
CA LEU B 297 12.40 22.00 -0.76
C LEU B 297 10.98 22.47 -1.09
N VAL B 298 9.99 21.64 -0.79
CA VAL B 298 8.61 21.97 -1.12
C VAL B 298 8.13 23.18 -0.34
N GLY B 299 8.55 23.29 0.92
CA GLY B 299 8.28 24.47 1.72
C GLY B 299 8.75 25.74 1.05
N GLN B 300 9.96 25.72 0.51
CA GLN B 300 10.51 26.87 -0.20
C GLN B 300 9.67 27.20 -1.44
N PHE B 301 9.29 26.19 -2.19
CA PHE B 301 8.42 26.34 -3.37
C PHE B 301 7.09 27.01 -3.04
N ILE B 302 6.48 26.59 -1.94
CA ILE B 302 5.17 27.10 -1.57
C ILE B 302 5.27 28.55 -1.10
N LYS B 303 6.30 28.85 -0.33
CA LYS B 303 6.52 30.21 0.16
C LYS B 303 6.71 31.16 -1.01
N LYS B 304 7.48 30.72 -2.00
CA LYS B 304 7.73 31.50 -3.21
C LYS B 304 6.43 31.79 -3.94
N ARG B 305 5.63 30.75 -4.17
CA ARG B 305 4.38 30.90 -4.89
C ARG B 305 3.43 31.88 -4.20
N LEU B 306 3.48 31.91 -2.87
CA LEU B 306 2.56 32.73 -2.09
C LEU B 306 2.99 34.19 -2.00
N MET B 307 4.25 34.46 -2.31
CA MET B 307 4.75 35.83 -2.36
C MET B 307 4.70 36.35 -3.79
N GLN B 308 3.53 36.28 -4.40
CA GLN B 308 3.34 36.72 -5.77
C GLN B 308 1.95 37.30 -5.99
#